data_1DDI
#
_entry.id   1DDI
#
_cell.length_a   98.610
_cell.length_b   98.610
_cell.length_c   123.940
_cell.angle_alpha   90.00
_cell.angle_beta   90.00
_cell.angle_gamma   120.00
#
_symmetry.space_group_name_H-M   'P 31 2 1'
#
loop_
_entity.id
_entity.type
_entity.pdbx_description
1 polymer 'SULFITE REDUCTASE [NADPH] FLAVOPROTEIN ALPHA-COMPONENT'
2 non-polymer 'FLAVIN-ADENINE DINUCLEOTIDE'
3 non-polymer 'NADP NICOTINAMIDE-ADENINE-DINUCLEOTIDE PHOSPHATE'
4 water water
#
_entity_poly.entity_id   1
_entity_poly.type   'polypeptide(L)'
_entity_poly.pdbx_seq_one_letter_code
;IHTSPYSKDAPLVASLSVNQKITGRNSEKDVRHIEIDLGDSGLRYQPGDALGVWYQNDPALVKELVELLWLKGDEPVTVE
GKTLPLNEALQWHFELTVNTANIVENYATLTRSETLLPLVGDKAKLQHYAATTPIVDMVRFSPAQLDAEALINLLRPLTP
RLYSIASSQAEVENEVHVTVGVVRYDVEGRARAGGASSFLADRVEEEGEVRVFIEHNDNFRLPANPETPVIMIGPGTGIA
PFRAFMQQRAADEAPGKNWLFFGNPHFTEDFLYQVEWQRYVKEGVLTRIDLAWSRDQKEKVYVQDKLREQGAELWRWIND
GAHIYVCGDANRMAKDVEQALLEVIAEFGGMDTEAADEFLSELRVERRYQRDVY
;
_entity_poly.pdbx_strand_id   A
#
loop_
_chem_comp.id
_chem_comp.type
_chem_comp.name
_chem_comp.formula
FAD non-polymer 'FLAVIN-ADENINE DINUCLEOTIDE' 'C27 H33 N9 O15 P2'
NAP non-polymer 'NADP NICOTINAMIDE-ADENINE-DINUCLEOTIDE PHOSPHATE' 'C21 H28 N7 O17 P3'
#
# COMPACT_ATOMS: atom_id res chain seq x y z
N ILE A 1 -11.83 -13.21 23.01
CA ILE A 1 -10.66 -13.06 24.01
C ILE A 1 -9.98 -11.74 23.71
N HIS A 2 -10.02 -11.27 22.44
CA HIS A 2 -9.51 -9.90 22.23
C HIS A 2 -10.46 -8.89 21.61
N THR A 3 -11.70 -8.66 22.04
CA THR A 3 -12.74 -7.99 21.35
C THR A 3 -12.63 -6.60 20.72
N SER A 4 -12.15 -5.65 21.44
CA SER A 4 -11.85 -4.30 21.04
C SER A 4 -12.96 -3.37 20.69
N PRO A 5 -13.04 -2.21 21.33
CA PRO A 5 -14.00 -1.18 20.94
C PRO A 5 -13.39 -0.74 19.61
N TYR A 6 -13.54 0.11 18.77
CA TYR A 6 -12.50 0.26 17.67
C TYR A 6 -12.48 -0.80 16.56
N SER A 7 -12.89 -0.11 15.45
CA SER A 7 -12.99 -0.91 14.20
C SER A 7 -13.08 0.08 13.05
N LYS A 8 -13.27 -0.32 11.82
CA LYS A 8 -13.42 0.58 10.68
C LYS A 8 -14.49 1.65 10.90
N ASP A 9 -15.68 1.34 11.39
CA ASP A 9 -16.69 2.38 11.75
C ASP A 9 -16.31 2.84 13.11
N ALA A 10 -16.33 3.75 14.00
CA ALA A 10 -15.56 3.63 15.31
C ALA A 10 -14.08 3.30 15.40
N PRO A 11 -13.25 4.02 14.67
CA PRO A 11 -11.80 3.95 14.65
C PRO A 11 -11.18 4.67 15.84
N LEU A 12 -9.96 4.34 16.19
CA LEU A 12 -9.23 4.99 17.27
C LEU A 12 -8.67 6.32 16.76
N VAL A 13 -8.85 7.35 17.59
CA VAL A 13 -8.30 8.66 17.29
C VAL A 13 -6.86 8.61 17.79
N ALA A 14 -5.89 8.28 16.91
CA ALA A 14 -4.54 8.14 17.34
C ALA A 14 -3.74 9.37 16.97
N SER A 15 -2.42 9.31 17.18
CA SER A 15 -1.70 10.45 16.64
C SER A 15 -0.35 10.17 16.02
N LEU A 16 0.00 11.09 15.09
CA LEU A 16 1.20 10.93 14.30
C LEU A 16 2.49 11.29 15.03
N SER A 17 3.39 10.37 15.17
CA SER A 17 4.57 10.73 16.00
C SER A 17 5.75 10.90 15.07
N VAL A 18 5.98 10.13 14.01
CA VAL A 18 7.09 10.31 13.08
C VAL A 18 6.58 10.21 11.63
N ASN A 19 7.06 11.12 10.79
CA ASN A 19 6.74 11.21 9.36
C ASN A 19 8.09 11.46 8.67
N GLN A 20 8.87 10.47 8.29
CA GLN A 20 10.22 10.51 7.82
C GLN A 20 10.43 9.96 6.41
N LYS A 21 11.00 10.83 5.58
CA LYS A 21 11.29 10.41 4.19
C LYS A 21 12.39 9.38 4.24
N ILE A 22 12.21 8.25 3.62
CA ILE A 22 13.16 7.09 3.70
C ILE A 22 13.87 6.83 2.41
N THR A 23 13.53 7.57 1.35
CA THR A 23 14.20 7.41 0.06
C THR A 23 15.27 8.51 -0.01
N GLY A 24 16.42 8.20 -0.63
CA GLY A 24 17.48 9.23 -0.70
C GLY A 24 17.15 10.45 -1.52
N ARG A 25 18.06 11.45 -1.56
CA ARG A 25 17.76 12.73 -2.18
C ARG A 25 17.66 12.75 -3.73
N ASN A 26 18.15 11.72 -4.36
CA ASN A 26 18.02 11.58 -5.79
C ASN A 26 16.96 10.50 -6.10
N SER A 27 16.27 9.85 -5.17
CA SER A 27 15.28 8.86 -5.58
C SER A 27 14.23 9.55 -6.44
N GLU A 28 13.49 8.82 -7.23
CA GLU A 28 12.27 9.29 -7.90
C GLU A 28 11.06 9.07 -6.96
N LYS A 29 11.23 8.27 -5.91
CA LYS A 29 10.02 8.06 -5.10
C LYS A 29 10.11 8.89 -3.83
N ASP A 30 8.94 9.13 -3.29
CA ASP A 30 8.75 9.72 -2.01
C ASP A 30 8.16 8.60 -1.13
N VAL A 31 8.99 7.93 -0.34
CA VAL A 31 8.50 6.93 0.61
C VAL A 31 8.64 7.46 2.04
N ARG A 32 7.61 7.40 2.82
CA ARG A 32 7.59 7.79 4.21
C ARG A 32 7.56 6.57 5.16
N HIS A 33 8.39 6.68 6.19
CA HIS A 33 8.30 5.78 7.34
C HIS A 33 7.37 6.45 8.33
N ILE A 34 6.24 5.91 8.69
CA ILE A 34 5.33 6.65 9.60
C ILE A 34 5.28 5.94 10.96
N GLU A 35 5.13 6.67 12.07
CA GLU A 35 4.91 6.04 13.36
C GLU A 35 3.75 6.78 14.03
N ILE A 36 2.79 5.93 14.40
CA ILE A 36 1.56 6.45 14.97
C ILE A 36 1.47 5.85 16.36
N ASP A 37 1.35 6.79 17.25
CA ASP A 37 1.20 6.54 18.66
C ASP A 37 -0.22 6.11 19.03
N LEU A 38 -0.24 5.00 19.77
CA LEU A 38 -1.52 4.38 20.13
C LEU A 38 -1.91 4.64 21.58
N GLY A 39 -1.17 5.59 22.18
CA GLY A 39 -1.41 6.06 23.53
C GLY A 39 -1.67 4.86 24.48
N ASP A 40 -2.70 5.03 25.26
CA ASP A 40 -3.36 4.20 26.16
C ASP A 40 -4.32 3.11 25.73
N SER A 41 -4.71 3.31 24.45
CA SER A 41 -5.91 2.65 23.94
C SER A 41 -5.93 1.14 24.07
N GLY A 42 -4.74 0.53 24.08
CA GLY A 42 -4.60 -0.92 24.02
C GLY A 42 -4.91 -1.51 22.67
N LEU A 43 -4.94 -0.73 21.58
CA LEU A 43 -5.13 -1.31 20.24
C LEU A 43 -4.01 -2.32 20.03
N ARG A 44 -4.27 -3.55 19.63
CA ARG A 44 -3.24 -4.58 19.50
C ARG A 44 -3.28 -5.11 18.08
N TYR A 45 -2.14 -5.63 17.58
CA TYR A 45 -2.09 -6.19 16.23
C TYR A 45 -0.89 -7.13 16.16
N GLN A 46 -0.77 -7.98 15.17
CA GLN A 46 0.36 -8.87 15.04
C GLN A 46 0.99 -8.52 13.68
N PRO A 47 2.27 -8.86 13.52
CA PRO A 47 2.97 -8.77 12.28
C PRO A 47 2.16 -9.57 11.26
N GLY A 48 1.90 -8.87 10.09
CA GLY A 48 1.10 -9.50 9.03
C GLY A 48 -0.21 -8.72 8.93
N ASP A 49 -0.64 -8.09 9.97
CA ASP A 49 -1.91 -7.35 9.93
C ASP A 49 -1.66 -6.12 9.09
N ALA A 50 -2.71 -5.35 8.89
CA ALA A 50 -2.65 -4.09 8.22
C ALA A 50 -3.38 -3.02 9.05
N LEU A 51 -2.94 -1.79 8.82
CA LEU A 51 -3.51 -0.62 9.48
C LEU A 51 -4.41 0.08 8.45
N GLY A 52 -5.67 0.23 8.79
CA GLY A 52 -6.69 0.93 8.08
C GLY A 52 -6.55 2.39 8.54
N VAL A 53 -6.46 3.29 7.50
CA VAL A 53 -6.31 4.70 7.81
C VAL A 53 -7.34 5.59 7.11
N TRP A 54 -8.16 6.26 7.89
CA TRP A 54 -9.14 7.21 7.48
C TRP A 54 -8.30 8.44 7.11
N TYR A 55 -8.74 9.24 6.15
CA TYR A 55 -7.92 10.34 5.67
C TYR A 55 -8.92 11.43 5.29
N GLN A 56 -8.36 12.63 5.16
CA GLN A 56 -9.23 13.71 4.67
C GLN A 56 -8.70 14.17 3.34
N ASN A 57 -9.51 14.64 2.38
CA ASN A 57 -8.84 15.21 1.22
C ASN A 57 -8.11 16.50 1.59
N ASP A 58 -7.10 16.83 0.77
CA ASP A 58 -6.49 18.15 0.83
C ASP A 58 -7.47 19.30 0.62
N PRO A 59 -7.52 20.22 1.59
CA PRO A 59 -8.43 21.36 1.57
C PRO A 59 -8.17 22.29 0.42
N ALA A 60 -6.95 22.34 -0.08
CA ALA A 60 -6.62 23.11 -1.29
C ALA A 60 -7.19 22.38 -2.53
N LEU A 61 -7.26 21.03 -2.49
CA LEU A 61 -7.94 20.35 -3.62
C LEU A 61 -9.46 20.61 -3.59
N VAL A 62 -10.13 20.57 -2.44
CA VAL A 62 -11.56 20.88 -2.38
C VAL A 62 -11.81 22.28 -2.92
N LYS A 63 -11.01 23.23 -2.45
CA LYS A 63 -11.12 24.61 -2.86
C LYS A 63 -10.99 24.82 -4.37
N GLU A 64 -9.98 24.23 -5.00
CA GLU A 64 -9.83 24.19 -6.47
C GLU A 64 -11.07 23.64 -7.18
N LEU A 65 -11.67 22.57 -6.68
CA LEU A 65 -12.86 21.97 -7.26
C LEU A 65 -14.01 22.94 -7.09
N VAL A 66 -14.17 23.45 -5.86
CA VAL A 66 -15.30 24.34 -5.52
C VAL A 66 -15.32 25.57 -6.38
N GLU A 67 -14.16 26.18 -6.52
CA GLU A 67 -13.92 27.32 -7.40
C GLU A 67 -14.09 27.09 -8.90
N LEU A 68 -13.69 25.96 -9.48
CA LEU A 68 -13.89 25.62 -10.87
C LEU A 68 -15.39 25.39 -11.10
N LEU A 69 -16.14 25.09 -10.03
CA LEU A 69 -17.57 24.94 -10.25
C LEU A 69 -18.27 26.24 -9.93
N TRP A 70 -17.61 27.34 -9.61
CA TRP A 70 -18.27 28.57 -9.18
C TRP A 70 -19.09 28.35 -7.92
N LEU A 71 -18.85 27.55 -6.86
CA LEU A 71 -19.62 27.45 -5.59
C LEU A 71 -18.94 28.09 -4.39
N LYS A 72 -19.19 28.06 -3.07
CA LYS A 72 -18.20 27.78 -1.98
C LYS A 72 -18.66 26.60 -1.14
N GLY A 73 -18.29 26.20 0.06
CA GLY A 73 -18.86 25.29 1.10
C GLY A 73 -20.04 26.14 1.50
N ASP A 74 -20.66 26.63 2.58
CA ASP A 74 -21.98 27.19 2.34
C ASP A 74 -22.82 26.07 1.70
N GLU A 75 -22.69 25.47 0.49
CA GLU A 75 -23.78 24.74 -0.09
C GLU A 75 -24.13 23.45 0.66
N PRO A 76 -25.34 23.43 1.19
CA PRO A 76 -25.81 22.32 2.00
C PRO A 76 -25.96 21.11 1.12
N VAL A 77 -25.62 19.96 1.70
CA VAL A 77 -25.74 18.72 0.88
C VAL A 77 -26.06 17.68 1.92
N THR A 78 -26.58 16.56 1.49
CA THR A 78 -27.06 15.46 2.27
C THR A 78 -26.09 14.30 2.19
N VAL A 79 -25.50 13.90 3.32
CA VAL A 79 -24.61 12.77 3.26
C VAL A 79 -25.13 11.73 4.28
N GLU A 80 -25.50 10.57 3.77
CA GLU A 80 -26.13 9.56 4.62
C GLU A 80 -27.19 10.22 5.48
N GLY A 81 -28.18 10.95 4.93
CA GLY A 81 -29.16 11.56 5.81
C GLY A 81 -28.79 12.79 6.59
N LYS A 82 -27.55 13.17 6.79
CA LYS A 82 -27.30 14.42 7.54
C LYS A 82 -26.98 15.50 6.48
N THR A 83 -27.20 16.73 6.83
CA THR A 83 -27.05 17.93 6.08
C THR A 83 -25.72 18.53 6.44
N LEU A 84 -24.85 18.75 5.44
CA LEU A 84 -23.52 19.33 5.71
C LEU A 84 -23.21 20.40 4.67
N PRO A 85 -22.29 21.30 4.97
CA PRO A 85 -21.73 22.18 3.97
C PRO A 85 -20.87 21.38 3.01
N LEU A 86 -20.98 21.79 1.74
CA LEU A 86 -20.28 21.05 0.68
C LEU A 86 -18.79 20.87 0.92
N ASN A 87 -18.04 21.86 1.40
CA ASN A 87 -16.59 21.59 1.51
C ASN A 87 -16.23 20.61 2.63
N GLU A 88 -17.10 20.35 3.57
CA GLU A 88 -16.92 19.35 4.57
C GLU A 88 -17.27 18.01 3.97
N ALA A 89 -18.33 17.93 3.15
CA ALA A 89 -18.68 16.59 2.60
C ALA A 89 -17.51 16.18 1.72
N LEU A 90 -16.97 17.18 0.98
CA LEU A 90 -15.88 16.86 0.04
C LEU A 90 -14.55 16.52 0.69
N GLN A 91 -14.30 17.22 1.81
CA GLN A 91 -13.04 16.93 2.48
C GLN A 91 -13.12 15.58 3.23
N TRP A 92 -14.20 15.27 3.95
CA TRP A 92 -14.27 14.06 4.75
C TRP A 92 -15.01 12.91 4.14
N HIS A 93 -16.00 13.21 3.26
CA HIS A 93 -16.92 12.10 2.92
C HIS A 93 -16.85 11.52 1.54
N PHE A 94 -16.11 12.11 0.58
CA PHE A 94 -16.16 11.58 -0.77
C PHE A 94 -14.77 11.45 -1.34
N GLU A 95 -14.49 10.54 -2.25
CA GLU A 95 -13.28 10.33 -2.97
C GLU A 95 -13.11 11.35 -4.10
N LEU A 96 -12.01 12.08 -4.08
CA LEU A 96 -11.71 13.10 -5.09
C LEU A 96 -10.46 12.82 -5.89
N THR A 97 -9.69 11.83 -5.42
CA THR A 97 -8.38 11.57 -5.98
C THR A 97 -8.36 10.34 -6.86
N VAL A 98 -9.50 9.66 -7.11
CA VAL A 98 -9.42 8.53 -8.00
C VAL A 98 -10.49 8.78 -9.05
N ASN A 99 -10.13 8.91 -10.34
CA ASN A 99 -11.12 9.10 -11.39
C ASN A 99 -11.50 7.78 -12.03
N THR A 100 -12.70 7.56 -12.49
CA THR A 100 -13.04 6.26 -13.11
C THR A 100 -13.70 6.56 -14.46
N ALA A 101 -13.79 5.53 -15.29
CA ALA A 101 -14.50 5.41 -16.53
C ALA A 101 -15.96 5.82 -16.28
N ASN A 102 -16.55 5.28 -15.22
CA ASN A 102 -17.90 5.55 -14.81
C ASN A 102 -18.14 7.01 -14.42
N ILE A 103 -17.19 7.63 -13.75
CA ILE A 103 -17.35 9.03 -13.29
C ILE A 103 -17.20 9.95 -14.49
N VAL A 104 -16.24 9.66 -15.37
CA VAL A 104 -16.12 10.39 -16.61
C VAL A 104 -17.37 10.34 -17.49
N GLU A 105 -17.90 9.14 -17.70
CA GLU A 105 -19.06 8.91 -18.56
C GLU A 105 -20.27 9.58 -17.91
N ASN A 106 -20.46 9.44 -16.60
CA ASN A 106 -21.55 10.13 -15.93
C ASN A 106 -21.37 11.64 -15.99
N TYR A 107 -20.14 12.15 -15.83
CA TYR A 107 -19.98 13.59 -15.79
C TYR A 107 -20.19 14.16 -17.20
N ALA A 108 -19.69 13.38 -18.14
CA ALA A 108 -19.92 13.75 -19.54
C ALA A 108 -21.42 13.87 -19.83
N THR A 109 -22.22 12.96 -19.33
CA THR A 109 -23.61 12.84 -19.74
C THR A 109 -24.41 13.93 -19.06
N LEU A 110 -24.13 13.95 -17.74
CA LEU A 110 -24.72 14.92 -16.93
C LEU A 110 -24.50 16.32 -17.43
N THR A 111 -23.27 16.74 -17.80
CA THR A 111 -23.07 18.15 -18.14
C THR A 111 -23.18 18.36 -19.64
N ARG A 112 -23.23 17.26 -20.39
CA ARG A 112 -23.15 17.36 -21.83
C ARG A 112 -21.90 18.10 -22.28
N SER A 113 -20.76 17.89 -21.63
CA SER A 113 -19.50 18.40 -22.07
C SER A 113 -19.46 18.23 -23.60
N GLU A 114 -19.09 19.35 -24.23
CA GLU A 114 -18.90 19.22 -25.69
C GLU A 114 -17.68 18.37 -26.03
N THR A 115 -16.73 18.55 -25.13
CA THR A 115 -15.43 17.92 -25.18
C THR A 115 -15.38 16.58 -24.55
N LEU A 116 -16.19 16.11 -23.57
CA LEU A 116 -16.11 14.72 -23.15
C LEU A 116 -17.16 13.80 -23.73
N LEU A 117 -18.19 14.28 -24.40
CA LEU A 117 -19.30 13.51 -24.99
C LEU A 117 -18.81 12.51 -25.98
N PRO A 118 -17.83 12.83 -26.81
CA PRO A 118 -17.20 11.91 -27.74
C PRO A 118 -16.61 10.71 -27.03
N LEU A 119 -16.31 10.74 -25.72
CA LEU A 119 -15.86 9.56 -25.03
C LEU A 119 -17.05 8.67 -24.63
N VAL A 120 -18.25 9.23 -24.46
CA VAL A 120 -19.37 8.48 -23.92
C VAL A 120 -19.61 7.18 -24.69
N GLY A 121 -19.84 6.05 -23.99
CA GLY A 121 -20.08 4.78 -24.62
C GLY A 121 -18.85 4.13 -25.24
N ASP A 122 -17.66 4.70 -24.98
CA ASP A 122 -16.45 4.06 -25.54
C ASP A 122 -15.47 3.66 -24.41
N LYS A 123 -15.47 2.45 -23.94
CA LYS A 123 -14.83 1.89 -22.80
C LYS A 123 -13.35 2.26 -22.75
N ALA A 124 -12.63 1.93 -23.80
CA ALA A 124 -11.20 2.16 -23.87
C ALA A 124 -10.83 3.63 -23.75
N LYS A 125 -11.57 4.49 -24.42
CA LYS A 125 -11.29 5.92 -24.26
C LYS A 125 -11.63 6.44 -22.83
N LEU A 126 -12.72 5.93 -22.29
CA LEU A 126 -13.11 6.32 -20.98
C LEU A 126 -12.06 5.89 -19.97
N GLN A 127 -11.57 4.66 -20.00
CA GLN A 127 -10.63 4.17 -19.00
C GLN A 127 -9.32 4.92 -19.09
N HIS A 128 -8.94 5.21 -20.33
CA HIS A 128 -7.73 5.94 -20.64
C HIS A 128 -7.80 7.39 -20.15
N TYR A 129 -8.97 8.03 -20.37
CA TYR A 129 -9.17 9.39 -19.87
C TYR A 129 -9.04 9.47 -18.33
N ALA A 130 -9.74 8.58 -17.67
CA ALA A 130 -9.76 8.45 -16.22
C ALA A 130 -8.37 8.15 -15.64
N ALA A 131 -7.57 7.30 -16.25
CA ALA A 131 -6.32 6.78 -15.83
C ALA A 131 -5.28 7.88 -16.02
N THR A 132 -5.65 8.94 -16.73
CA THR A 132 -4.69 10.03 -16.91
C THR A 132 -5.16 11.39 -16.50
N THR A 133 -6.42 11.54 -16.12
CA THR A 133 -6.98 12.82 -15.80
C THR A 133 -7.80 12.74 -14.53
N PRO A 134 -7.29 13.33 -13.46
CA PRO A 134 -7.94 13.33 -12.18
C PRO A 134 -9.24 14.12 -12.27
N ILE A 135 -10.15 13.94 -11.33
CA ILE A 135 -11.42 14.55 -11.29
C ILE A 135 -11.22 16.04 -11.43
N VAL A 136 -10.43 16.68 -10.55
CA VAL A 136 -10.25 18.11 -10.49
C VAL A 136 -9.84 18.59 -11.87
N ASP A 137 -8.92 18.05 -12.65
CA ASP A 137 -8.62 18.50 -14.00
C ASP A 137 -9.64 18.17 -15.11
N MET A 138 -10.44 17.12 -15.04
CA MET A 138 -11.57 16.82 -15.87
C MET A 138 -12.53 18.01 -15.71
N VAL A 139 -12.75 18.56 -14.51
CA VAL A 139 -13.62 19.71 -14.39
C VAL A 139 -13.00 20.98 -14.93
N ARG A 140 -11.70 21.17 -14.79
CA ARG A 140 -11.00 22.27 -15.35
C ARG A 140 -11.18 22.21 -16.86
N PHE A 141 -10.82 21.06 -17.44
CA PHE A 141 -10.91 20.92 -18.89
C PHE A 141 -12.37 20.97 -19.35
N SER A 142 -13.41 20.63 -18.57
CA SER A 142 -14.74 20.71 -19.22
C SER A 142 -15.69 21.55 -18.40
N PRO A 143 -15.51 22.85 -18.42
CA PRO A 143 -16.37 23.72 -17.57
C PRO A 143 -17.86 23.47 -17.88
N ALA A 144 -18.59 23.38 -16.78
CA ALA A 144 -20.03 23.16 -16.81
C ALA A 144 -20.61 23.42 -15.42
N GLN A 145 -21.82 23.94 -15.38
CA GLN A 145 -22.42 24.14 -14.04
C GLN A 145 -22.91 22.80 -13.47
N LEU A 146 -22.67 22.58 -12.20
CA LEU A 146 -23.10 21.45 -11.41
C LEU A 146 -23.58 21.94 -10.03
N ASP A 147 -24.82 21.64 -9.65
CA ASP A 147 -25.30 21.95 -8.31
C ASP A 147 -24.37 21.18 -7.38
N ALA A 148 -24.30 21.49 -6.11
CA ALA A 148 -23.53 20.74 -5.10
C ALA A 148 -24.04 19.33 -4.88
N GLU A 149 -25.34 19.14 -5.02
CA GLU A 149 -25.93 17.82 -4.86
C GLU A 149 -25.61 16.93 -6.04
N ALA A 150 -25.57 17.52 -7.22
CA ALA A 150 -25.32 16.68 -8.42
C ALA A 150 -23.83 16.28 -8.35
N LEU A 151 -22.97 17.16 -7.87
CA LEU A 151 -21.56 16.91 -7.70
C LEU A 151 -21.34 15.74 -6.72
N ILE A 152 -21.99 15.76 -5.58
CA ILE A 152 -21.87 14.69 -4.57
C ILE A 152 -22.42 13.38 -4.99
N ASN A 153 -23.46 13.44 -5.82
CA ASN A 153 -24.14 12.29 -6.38
C ASN A 153 -23.24 11.49 -7.27
N LEU A 154 -22.39 12.23 -7.98
CA LEU A 154 -21.41 11.67 -8.89
C LEU A 154 -20.22 11.01 -8.21
N LEU A 155 -19.88 11.45 -7.01
CA LEU A 155 -18.65 10.89 -6.39
C LEU A 155 -18.87 9.61 -5.62
N ARG A 156 -17.88 8.83 -5.39
CA ARG A 156 -17.80 7.65 -4.55
C ARG A 156 -17.38 8.02 -3.12
N PRO A 157 -18.11 7.54 -2.12
CA PRO A 157 -17.75 7.74 -0.73
C PRO A 157 -16.26 7.52 -0.41
N LEU A 158 -15.74 8.30 0.52
CA LEU A 158 -14.35 8.08 0.94
C LEU A 158 -14.25 6.80 1.78
N THR A 159 -13.14 6.11 1.65
CA THR A 159 -12.96 4.78 2.33
C THR A 159 -11.55 4.81 2.85
N PRO A 160 -11.24 4.06 3.91
CA PRO A 160 -9.91 4.06 4.49
C PRO A 160 -9.02 3.27 3.55
N ARG A 161 -7.70 3.53 3.56
CA ARG A 161 -6.68 2.82 2.85
C ARG A 161 -5.91 1.92 3.82
N LEU A 162 -5.51 0.77 3.37
CA LEU A 162 -4.83 -0.24 4.18
C LEU A 162 -3.34 -0.16 3.94
N TYR A 163 -2.55 -0.15 4.99
CA TYR A 163 -1.09 -0.13 4.86
C TYR A 163 -0.50 -1.31 5.65
N SER A 164 0.24 -2.23 5.05
CA SER A 164 0.80 -3.34 5.85
C SER A 164 1.57 -2.87 7.08
N ILE A 165 1.45 -3.48 8.26
CA ILE A 165 2.10 -2.91 9.42
C ILE A 165 3.57 -3.22 9.36
N ALA A 166 4.40 -2.19 9.67
CA ALA A 166 5.85 -2.46 9.59
C ALA A 166 6.54 -2.59 10.92
N SER A 167 5.83 -2.88 12.01
CA SER A 167 6.50 -2.98 13.30
C SER A 167 5.87 -4.20 14.02
N SER A 168 6.52 -4.62 15.06
CA SER A 168 6.01 -5.59 16.02
C SER A 168 5.86 -4.84 17.35
N GLN A 169 4.73 -5.05 17.98
CA GLN A 169 4.56 -4.43 19.32
C GLN A 169 5.53 -5.00 20.35
N ALA A 170 6.09 -6.20 20.12
CA ALA A 170 7.09 -6.69 21.06
C ALA A 170 8.22 -5.69 20.99
N GLU A 171 8.58 -5.00 19.92
CA GLU A 171 9.61 -3.98 19.90
C GLU A 171 9.06 -2.58 20.17
N VAL A 172 7.97 -2.23 19.51
CA VAL A 172 7.57 -0.78 19.46
C VAL A 172 6.60 -0.48 20.47
N GLU A 173 5.87 0.31 21.18
CA GLU A 173 4.99 -0.77 22.14
C GLU A 173 3.61 -0.47 21.74
N ASN A 174 3.23 0.69 22.35
CA ASN A 174 1.88 1.21 22.08
C ASN A 174 2.12 2.12 20.85
N GLU A 175 2.71 1.58 19.77
CA GLU A 175 2.94 2.30 18.56
C GLU A 175 2.66 1.43 17.32
N VAL A 176 2.16 2.04 16.24
CA VAL A 176 2.05 1.26 15.05
C VAL A 176 2.98 1.90 14.01
N HIS A 177 3.69 1.19 13.18
CA HIS A 177 4.50 1.82 12.11
C HIS A 177 4.08 1.36 10.70
N VAL A 178 4.31 2.19 9.66
CA VAL A 178 3.75 1.84 8.29
C VAL A 178 4.70 2.45 7.30
N THR A 179 4.83 1.92 6.10
CA THR A 179 5.73 2.33 5.07
C THR A 179 5.01 2.80 3.79
N VAL A 180 4.84 4.14 3.72
CA VAL A 180 3.84 4.63 2.75
C VAL A 180 4.50 5.12 1.48
N GLY A 181 4.23 4.56 0.29
CA GLY A 181 4.71 5.21 -0.93
C GLY A 181 3.83 6.40 -1.29
N VAL A 182 4.32 7.64 -1.39
CA VAL A 182 3.39 8.73 -1.67
C VAL A 182 3.21 9.01 -3.16
N VAL A 183 1.95 8.77 -3.60
CA VAL A 183 1.58 8.87 -5.01
C VAL A 183 1.62 10.37 -5.33
N ARG A 184 2.49 10.77 -6.24
CA ARG A 184 2.70 12.16 -6.61
C ARG A 184 2.87 12.36 -8.11
N TYR A 185 2.23 13.36 -8.73
CA TYR A 185 2.38 13.44 -10.19
C TYR A 185 1.95 14.85 -10.53
N ASP A 186 1.96 15.30 -11.77
CA ASP A 186 1.38 16.61 -12.02
C ASP A 186 0.61 16.66 -13.31
N VAL A 187 -0.32 17.58 -13.37
CA VAL A 187 -1.13 17.69 -14.60
C VAL A 187 -0.81 19.12 -15.04
N GLU A 188 -0.12 19.32 -16.17
CA GLU A 188 0.19 20.69 -16.56
C GLU A 188 0.93 21.45 -15.50
N GLY A 189 1.79 20.92 -14.61
CA GLY A 189 2.31 21.82 -13.54
C GLY A 189 1.42 21.83 -12.28
N ARG A 190 0.20 21.37 -12.27
CA ARG A 190 -0.55 21.31 -11.00
C ARG A 190 -0.18 20.02 -10.31
N ALA A 191 0.45 20.13 -9.13
CA ALA A 191 0.77 18.97 -8.30
C ALA A 191 -0.49 18.23 -7.86
N ARG A 192 -0.44 16.92 -8.08
CA ARG A 192 -1.57 16.02 -7.73
C ARG A 192 -1.04 14.94 -6.78
N ALA A 193 -1.85 14.36 -5.94
CA ALA A 193 -1.37 13.20 -5.15
C ALA A 193 -2.53 12.28 -4.74
N GLY A 194 -2.17 11.10 -4.29
CA GLY A 194 -3.06 10.08 -3.71
C GLY A 194 -3.69 10.73 -2.48
N GLY A 195 -4.95 10.47 -2.22
CA GLY A 195 -5.58 11.12 -1.10
C GLY A 195 -4.86 10.71 0.21
N ALA A 196 -4.88 9.46 0.63
CA ALA A 196 -4.48 9.01 1.95
C ALA A 196 -2.96 9.13 2.15
N SER A 197 -2.18 8.75 1.09
CA SER A 197 -0.75 8.73 1.25
C SER A 197 -0.24 10.16 1.34
N SER A 198 -0.88 11.14 0.70
CA SER A 198 -0.45 12.51 0.78
C SER A 198 -1.00 13.13 2.06
N PHE A 199 -2.16 12.68 2.54
CA PHE A 199 -2.65 13.15 3.84
C PHE A 199 -1.58 12.86 4.91
N LEU A 200 -1.07 11.62 4.97
CA LEU A 200 -0.15 11.20 6.04
C LEU A 200 1.18 11.93 5.90
N ALA A 201 1.52 12.06 4.57
CA ALA A 201 2.80 12.60 4.26
C ALA A 201 2.81 14.12 4.37
N ASP A 202 1.69 14.82 4.12
CA ASP A 202 1.88 16.26 4.11
C ASP A 202 0.94 17.03 4.96
N ARG A 203 -0.20 16.49 5.36
CA ARG A 203 -1.23 17.35 5.96
C ARG A 203 -1.52 16.94 7.38
N VAL A 204 -2.68 17.22 7.87
CA VAL A 204 -3.21 16.46 9.00
C VAL A 204 -2.64 15.00 9.16
N GLU A 205 -1.34 14.74 9.43
CA GLU A 205 -0.84 15.14 10.67
C GLU A 205 0.36 16.11 10.57
N GLU A 206 0.28 17.16 11.33
CA GLU A 206 1.40 17.80 12.02
C GLU A 206 1.74 16.71 13.05
N GLU A 207 2.82 16.69 13.77
CA GLU A 207 3.00 15.73 14.98
C GLU A 207 1.81 15.56 15.92
N GLY A 208 0.56 14.92 15.93
CA GLY A 208 -0.81 15.27 15.29
C GLY A 208 -2.03 14.31 14.97
N GLU A 209 -3.40 14.41 14.74
CA GLU A 209 -4.45 13.42 14.76
C GLU A 209 -4.70 12.49 13.57
N VAL A 210 -4.83 11.17 13.75
CA VAL A 210 -5.10 10.18 12.73
C VAL A 210 -6.07 9.11 13.27
N ARG A 211 -7.12 8.81 12.53
CA ARG A 211 -8.12 7.80 12.75
C ARG A 211 -7.76 6.46 12.18
N VAL A 212 -7.65 5.42 13.01
CA VAL A 212 -7.00 4.15 12.51
C VAL A 212 -7.71 2.95 13.05
N PHE A 213 -7.53 1.79 12.41
CA PHE A 213 -8.16 0.61 12.94
C PHE A 213 -7.27 -0.52 12.44
N ILE A 214 -7.45 -1.72 13.01
CA ILE A 214 -6.59 -2.77 12.56
C ILE A 214 -7.39 -3.65 11.58
N GLU A 215 -6.77 -4.03 10.48
CA GLU A 215 -7.43 -5.03 9.61
C GLU A 215 -6.66 -6.35 9.82
N HIS A 216 -7.17 -7.25 10.62
CA HIS A 216 -6.43 -8.45 10.98
C HIS A 216 -6.32 -9.33 9.75
N ASN A 217 -5.20 -9.98 9.64
CA ASN A 217 -4.94 -10.90 8.54
C ASN A 217 -4.34 -12.18 9.13
N ASP A 218 -5.18 -13.15 9.45
CA ASP A 218 -4.70 -14.45 9.91
C ASP A 218 -4.07 -15.27 8.78
N ASN A 219 -4.15 -14.90 7.53
CA ASN A 219 -3.45 -15.64 6.48
C ASN A 219 -2.09 -15.06 6.14
N PHE A 220 -1.47 -14.27 7.01
CA PHE A 220 -0.15 -13.69 6.74
C PHE A 220 0.60 -13.54 8.03
N ARG A 221 1.24 -14.61 8.47
CA ARG A 221 1.75 -14.77 9.81
C ARG A 221 3.05 -15.56 9.81
N LEU A 222 3.88 -15.21 10.78
CA LEU A 222 5.11 -15.97 10.93
C LEU A 222 4.74 -17.41 11.38
N PRO A 223 5.63 -18.38 11.24
CA PRO A 223 5.47 -19.73 11.76
C PRO A 223 5.29 -19.64 13.29
N ALA A 224 4.26 -20.20 13.95
CA ALA A 224 4.28 -20.28 15.43
C ALA A 224 5.59 -20.97 15.78
N ASN A 225 6.69 -21.14 16.43
CA ASN A 225 7.69 -22.12 15.93
C ASN A 225 8.80 -21.23 15.31
N PRO A 226 9.67 -20.93 16.28
CA PRO A 226 10.81 -20.06 16.09
C PRO A 226 11.97 -20.63 15.31
N GLU A 227 11.86 -21.88 14.96
CA GLU A 227 12.93 -22.58 14.26
C GLU A 227 12.67 -22.79 12.79
N THR A 228 11.44 -22.61 12.34
CA THR A 228 11.16 -22.78 10.93
C THR A 228 11.75 -21.62 10.12
N PRO A 229 12.47 -21.93 9.05
CA PRO A 229 13.04 -20.99 8.11
C PRO A 229 11.99 -20.16 7.39
N VAL A 230 12.24 -18.86 7.28
CA VAL A 230 11.31 -18.01 6.55
C VAL A 230 12.02 -17.23 5.40
N ILE A 231 11.27 -17.29 4.29
CA ILE A 231 11.62 -16.67 3.06
C ILE A 231 10.64 -15.52 2.73
N MET A 232 11.18 -14.32 2.59
CA MET A 232 10.38 -13.11 2.50
C MET A 232 10.69 -12.34 1.23
N ILE A 233 9.68 -12.14 0.38
CA ILE A 233 9.80 -11.47 -0.89
C ILE A 233 8.94 -10.21 -0.92
N GLY A 234 9.55 -9.05 -0.71
CA GLY A 234 8.79 -7.83 -0.57
C GLY A 234 9.59 -6.70 -1.18
N PRO A 235 9.54 -6.47 -2.49
CA PRO A 235 10.11 -5.28 -3.13
C PRO A 235 9.37 -3.98 -2.86
N GLY A 236 10.03 -2.80 -2.99
CA GLY A 236 9.35 -1.52 -2.91
C GLY A 236 8.62 -1.39 -1.57
N THR A 237 7.37 -0.93 -1.46
CA THR A 237 6.72 -0.86 -0.18
C THR A 237 6.28 -2.20 0.35
N GLY A 238 6.38 -3.23 -0.48
CA GLY A 238 6.13 -4.58 0.02
C GLY A 238 7.07 -5.03 1.08
N ILE A 239 8.09 -4.31 1.48
CA ILE A 239 9.00 -4.74 2.56
C ILE A 239 8.39 -4.53 3.93
N ALA A 240 7.33 -3.68 4.06
CA ALA A 240 6.73 -3.44 5.37
C ALA A 240 6.56 -4.60 6.35
N PRO A 241 5.75 -5.61 6.10
CA PRO A 241 5.38 -6.66 7.05
C PRO A 241 6.65 -7.39 7.41
N PHE A 242 7.71 -7.35 6.57
CA PHE A 242 8.94 -8.10 6.75
C PHE A 242 9.81 -7.40 7.75
N ARG A 243 9.67 -6.09 7.84
CA ARG A 243 10.17 -5.36 8.99
C ARG A 243 9.39 -5.68 10.30
N ALA A 244 8.08 -5.87 10.29
CA ALA A 244 7.29 -6.42 11.36
C ALA A 244 7.85 -7.80 11.74
N PHE A 245 8.24 -8.64 10.81
CA PHE A 245 8.55 -10.05 11.06
C PHE A 245 9.87 -10.17 11.81
N MET A 246 10.81 -9.34 11.34
CA MET A 246 12.17 -9.30 11.85
C MET A 246 12.23 -8.64 13.21
N GLN A 247 11.41 -7.62 13.48
CA GLN A 247 11.31 -7.05 14.80
C GLN A 247 10.82 -8.17 15.75
N GLN A 248 9.90 -9.00 15.31
CA GLN A 248 9.27 -9.99 16.11
C GLN A 248 10.28 -11.11 16.41
N ARG A 249 10.88 -11.59 15.31
CA ARG A 249 11.82 -12.69 15.49
C ARG A 249 13.06 -12.18 16.22
N ALA A 250 13.42 -10.90 16.15
CA ALA A 250 14.58 -10.54 16.96
C ALA A 250 14.16 -10.46 18.44
N ALA A 251 13.04 -9.80 18.71
CA ALA A 251 12.55 -9.71 20.07
C ALA A 251 12.31 -11.11 20.65
N ASP A 252 11.84 -12.08 19.89
CA ASP A 252 11.59 -13.38 20.48
C ASP A 252 12.89 -14.19 20.47
N GLU A 253 13.98 -13.61 19.92
CA GLU A 253 15.21 -14.39 19.80
C GLU A 253 14.99 -15.68 19.03
N ALA A 254 14.11 -15.76 18.08
CA ALA A 254 13.90 -16.99 17.34
C ALA A 254 15.20 -17.28 16.60
N PRO A 255 15.57 -18.55 16.62
CA PRO A 255 16.80 -18.97 15.94
C PRO A 255 16.55 -19.35 14.47
N GLY A 256 15.29 -19.52 14.04
CA GLY A 256 15.00 -19.83 12.66
C GLY A 256 15.76 -18.93 11.68
N LYS A 257 16.01 -19.46 10.51
CA LYS A 257 16.81 -18.78 9.47
C LYS A 257 15.85 -17.84 8.73
N ASN A 258 16.35 -16.63 8.45
CA ASN A 258 15.43 -15.68 7.78
C ASN A 258 16.09 -15.17 6.48
N TRP A 259 15.28 -15.15 5.44
CA TRP A 259 15.90 -14.62 4.20
C TRP A 259 15.07 -13.53 3.58
N LEU A 260 15.59 -12.38 3.24
CA LEU A 260 14.88 -11.32 2.57
C LEU A 260 15.29 -11.11 1.11
N PHE A 261 14.36 -11.11 0.18
CA PHE A 261 14.54 -10.66 -1.20
C PHE A 261 13.88 -9.30 -1.33
N PHE A 262 14.67 -8.29 -1.66
CA PHE A 262 14.16 -6.94 -1.78
C PHE A 262 14.61 -6.31 -3.10
N GLY A 263 13.90 -5.30 -3.59
CA GLY A 263 14.22 -4.72 -4.85
C GLY A 263 13.61 -3.36 -5.01
N ASN A 264 14.15 -2.56 -5.89
CA ASN A 264 13.72 -1.18 -6.10
C ASN A 264 14.75 -0.64 -7.11
N PRO A 265 14.53 0.56 -7.59
CA PRO A 265 15.32 1.10 -8.69
C PRO A 265 16.80 1.31 -8.42
N HIS A 266 17.15 2.09 -7.38
CA HIS A 266 18.56 2.34 -7.09
C HIS A 266 19.13 1.99 -5.74
N PHE A 267 20.18 1.19 -5.67
CA PHE A 267 20.82 0.87 -4.40
C PHE A 267 21.03 2.07 -3.48
N THR A 268 21.41 3.19 -4.02
CA THR A 268 21.90 4.33 -3.24
C THR A 268 20.75 5.20 -2.83
N GLU A 269 19.52 5.02 -3.32
CA GLU A 269 18.42 5.84 -2.97
C GLU A 269 17.17 5.13 -2.44
N ASP A 270 17.03 3.88 -2.87
CA ASP A 270 15.75 3.22 -2.58
C ASP A 270 15.90 1.96 -1.71
N PHE A 271 16.99 1.84 -0.99
CA PHE A 271 17.21 0.73 -0.09
C PHE A 271 16.43 1.01 1.20
N LEU A 272 15.11 0.84 1.18
CA LEU A 272 14.34 1.14 2.36
C LEU A 272 14.90 0.35 3.55
N TYR A 273 15.22 1.10 4.60
CA TYR A 273 15.45 0.70 5.97
C TYR A 273 16.79 -0.02 6.00
N GLN A 274 17.60 0.42 5.05
CA GLN A 274 18.94 -0.14 4.84
C GLN A 274 19.79 -0.33 6.09
N VAL A 275 19.86 0.63 7.02
CA VAL A 275 20.71 0.36 8.18
C VAL A 275 20.10 -0.58 9.20
N GLU A 276 18.79 -0.78 9.19
CA GLU A 276 18.27 -1.88 10.00
C GLU A 276 18.72 -3.19 9.38
N TRP A 277 18.60 -3.38 8.05
CA TRP A 277 18.90 -4.68 7.47
C TRP A 277 20.39 -4.95 7.76
N GLN A 278 21.23 -3.91 7.70
CA GLN A 278 22.62 -4.17 8.12
C GLN A 278 22.74 -4.62 9.59
N ARG A 279 22.04 -3.95 10.54
CA ARG A 279 22.17 -4.46 11.91
C ARG A 279 21.54 -5.85 12.02
N TYR A 280 20.49 -6.20 11.30
CA TYR A 280 19.90 -7.53 11.47
C TYR A 280 20.85 -8.61 11.00
N VAL A 281 21.55 -8.28 9.88
CA VAL A 281 22.50 -9.25 9.31
C VAL A 281 23.69 -9.40 10.28
N LYS A 282 24.16 -8.24 10.79
CA LYS A 282 25.23 -8.25 11.79
C LYS A 282 24.87 -8.98 13.05
N GLU A 283 23.65 -8.88 13.61
CA GLU A 283 23.31 -9.62 14.83
C GLU A 283 22.96 -11.06 14.59
N GLY A 284 22.96 -11.59 13.37
CA GLY A 284 22.55 -12.97 13.13
C GLY A 284 21.04 -13.13 12.97
N VAL A 285 20.24 -12.02 12.84
CA VAL A 285 18.82 -12.43 12.73
C VAL A 285 18.44 -12.59 11.27
N LEU A 286 18.93 -11.71 10.42
CA LEU A 286 18.61 -11.81 9.01
C LEU A 286 19.72 -12.73 8.43
N THR A 287 19.40 -13.93 8.04
CA THR A 287 20.42 -14.89 7.60
C THR A 287 20.94 -14.51 6.24
N ARG A 288 20.01 -14.28 5.30
CA ARG A 288 20.39 -14.00 3.94
C ARG A 288 19.61 -12.81 3.44
N ILE A 289 20.20 -12.05 2.50
CA ILE A 289 19.46 -10.93 1.93
C ILE A 289 19.86 -10.89 0.44
N ASP A 290 18.95 -10.84 -0.52
CA ASP A 290 19.27 -10.71 -1.91
C ASP A 290 18.58 -9.41 -2.33
N LEU A 291 19.28 -8.66 -3.18
CA LEU A 291 18.83 -7.37 -3.61
C LEU A 291 18.80 -7.19 -5.11
N ALA A 292 17.70 -6.67 -5.66
CA ALA A 292 17.57 -6.41 -7.06
C ALA A 292 17.36 -4.91 -7.29
N TRP A 293 18.37 -4.30 -7.94
CA TRP A 293 18.23 -2.88 -8.29
C TRP A 293 17.98 -2.70 -9.78
N SER A 294 16.79 -2.36 -10.23
CA SER A 294 16.33 -2.35 -11.56
C SER A 294 16.98 -1.30 -12.44
N ARG A 295 17.37 -0.17 -11.89
CA ARG A 295 17.82 0.94 -12.69
C ARG A 295 19.28 1.22 -12.39
N ASP A 296 19.99 0.30 -11.74
CA ASP A 296 21.34 0.75 -11.43
C ASP A 296 22.31 0.45 -12.57
N GLN A 297 21.92 -0.43 -13.49
CA GLN A 297 22.85 -0.90 -14.50
C GLN A 297 22.09 -1.45 -15.68
N LYS A 298 21.38 -0.68 -16.49
CA LYS A 298 21.15 -1.13 -17.86
C LYS A 298 20.20 -2.29 -18.16
N GLU A 299 20.66 -3.49 -17.80
CA GLU A 299 19.72 -4.58 -17.65
C GLU A 299 18.85 -4.36 -16.38
N LYS A 300 17.54 -4.48 -16.59
CA LYS A 300 16.55 -4.42 -15.53
C LYS A 300 16.64 -5.74 -14.74
N VAL A 301 16.78 -5.62 -13.42
CA VAL A 301 16.87 -6.79 -12.56
C VAL A 301 15.78 -6.68 -11.50
N TYR A 302 15.06 -7.77 -11.24
CA TYR A 302 13.98 -7.82 -10.26
C TYR A 302 14.11 -9.02 -9.36
N VAL A 303 13.34 -8.97 -8.27
CA VAL A 303 13.40 -10.03 -7.30
C VAL A 303 13.22 -11.41 -7.93
N GLN A 304 12.35 -11.54 -8.92
CA GLN A 304 12.18 -12.85 -9.58
C GLN A 304 13.49 -13.34 -10.19
N ASP A 305 14.33 -12.44 -10.70
CA ASP A 305 15.64 -12.89 -11.22
C ASP A 305 16.55 -13.45 -10.15
N LYS A 306 16.47 -12.87 -8.94
CA LYS A 306 17.22 -13.30 -7.77
C LYS A 306 16.64 -14.60 -7.24
N LEU A 307 15.33 -14.78 -7.31
CA LEU A 307 14.80 -16.09 -6.90
C LEU A 307 15.40 -17.14 -7.83
N ARG A 308 15.30 -16.86 -9.13
CA ARG A 308 15.81 -17.83 -10.10
C ARG A 308 17.28 -18.16 -9.81
N GLU A 309 18.08 -17.12 -9.56
CA GLU A 309 19.48 -17.35 -9.27
C GLU A 309 19.73 -18.06 -7.96
N GLN A 310 18.83 -18.05 -7.01
CA GLN A 310 19.07 -18.73 -5.71
C GLN A 310 18.21 -19.98 -5.63
N GLY A 311 17.70 -20.40 -6.79
CA GLY A 311 16.77 -21.53 -6.84
C GLY A 311 17.20 -22.69 -5.96
N ALA A 312 18.42 -23.18 -6.20
CA ALA A 312 18.92 -24.32 -5.45
C ALA A 312 18.91 -24.12 -3.94
N GLU A 313 19.37 -22.97 -3.42
CA GLU A 313 19.28 -22.77 -1.98
C GLU A 313 17.84 -22.57 -1.49
N LEU A 314 17.00 -22.00 -2.34
CA LEU A 314 15.58 -21.91 -2.08
C LEU A 314 14.96 -23.28 -1.95
N TRP A 315 15.37 -24.19 -2.83
CA TRP A 315 14.79 -25.53 -2.81
C TRP A 315 15.19 -26.30 -1.56
N ARG A 316 16.44 -26.09 -1.13
CA ARG A 316 16.91 -26.67 0.12
C ARG A 316 16.15 -26.06 1.29
N TRP A 317 15.90 -24.74 1.27
CA TRP A 317 15.14 -24.18 2.38
C TRP A 317 13.69 -24.69 2.43
N ILE A 318 13.02 -24.68 1.28
CA ILE A 318 11.69 -25.27 1.18
C ILE A 318 11.64 -26.66 1.75
N ASN A 319 12.58 -27.54 1.39
CA ASN A 319 12.72 -28.87 1.95
C ASN A 319 13.03 -28.91 3.42
N ASP A 320 13.61 -27.88 4.05
CA ASP A 320 13.75 -27.75 5.47
C ASP A 320 12.48 -27.17 6.14
N GLY A 321 11.35 -27.16 5.44
CA GLY A 321 10.09 -26.67 5.98
C GLY A 321 9.97 -25.17 5.92
N ALA A 322 10.63 -24.43 5.02
CA ALA A 322 10.48 -22.98 5.02
C ALA A 322 9.10 -22.43 4.66
N HIS A 323 8.80 -21.31 5.31
CA HIS A 323 7.56 -20.63 4.89
C HIS A 323 8.01 -19.55 3.85
N ILE A 324 7.13 -19.33 2.88
CA ILE A 324 7.38 -18.37 1.81
C ILE A 324 6.28 -17.30 1.82
N TYR A 325 6.82 -16.08 1.91
CA TYR A 325 5.97 -14.90 1.96
C TYR A 325 6.12 -13.94 0.82
N VAL A 326 5.05 -13.43 0.21
CA VAL A 326 5.11 -12.45 -0.87
C VAL A 326 4.28 -11.24 -0.51
N CYS A 327 4.81 -10.01 -0.61
CA CYS A 327 4.07 -8.84 -0.24
C CYS A 327 4.34 -7.72 -1.27
N GLY A 328 3.33 -7.00 -1.74
CA GLY A 328 3.69 -5.87 -2.59
C GLY A 328 2.70 -5.79 -3.76
N ASP A 329 3.22 -5.36 -4.90
CA ASP A 329 2.42 -5.17 -6.11
C ASP A 329 1.81 -6.46 -6.65
N ALA A 330 0.48 -6.47 -6.70
CA ALA A 330 -0.20 -7.69 -7.17
C ALA A 330 -0.14 -7.80 -8.69
N ASN A 331 -0.04 -6.66 -9.35
CA ASN A 331 -0.19 -6.58 -10.80
C ASN A 331 0.81 -7.29 -11.69
N ARG A 332 2.08 -7.08 -11.40
CA ARG A 332 3.12 -7.73 -12.19
C ARG A 332 4.05 -8.47 -11.28
N MET A 333 4.42 -7.89 -10.14
CA MET A 333 5.36 -8.52 -9.20
C MET A 333 4.87 -9.83 -8.63
N ALA A 334 3.68 -9.91 -8.04
CA ALA A 334 3.19 -11.19 -7.49
C ALA A 334 3.23 -12.27 -8.57
N LYS A 335 2.73 -11.95 -9.75
CA LYS A 335 2.67 -12.91 -10.86
C LYS A 335 4.08 -13.27 -11.30
N ASP A 336 4.99 -12.30 -11.46
CA ASP A 336 6.33 -12.75 -11.82
C ASP A 336 7.08 -13.50 -10.74
N VAL A 337 6.87 -13.28 -9.45
CA VAL A 337 7.51 -14.04 -8.39
C VAL A 337 6.92 -15.44 -8.36
N GLU A 338 5.62 -15.58 -8.56
CA GLU A 338 4.99 -16.89 -8.59
C GLU A 338 5.67 -17.79 -9.63
N GLN A 339 5.70 -17.30 -10.86
CA GLN A 339 6.27 -18.05 -11.98
C GLN A 339 7.70 -18.43 -11.66
N ALA A 340 8.49 -17.45 -11.16
CA ALA A 340 9.87 -17.80 -10.79
C ALA A 340 9.89 -18.91 -9.72
N LEU A 341 8.97 -18.91 -8.76
CA LEU A 341 8.95 -19.94 -7.73
C LEU A 341 8.56 -21.31 -8.35
N LEU A 342 7.65 -21.28 -9.32
CA LEU A 342 7.23 -22.46 -10.05
C LEU A 342 8.42 -23.01 -10.85
N GLU A 343 9.18 -22.08 -11.44
CA GLU A 343 10.36 -22.50 -12.17
C GLU A 343 11.39 -23.01 -11.18
N VAL A 344 11.53 -22.47 -9.98
CA VAL A 344 12.53 -23.05 -9.07
C VAL A 344 12.12 -24.43 -8.63
N ILE A 345 10.85 -24.66 -8.30
CA ILE A 345 10.36 -25.94 -7.87
C ILE A 345 10.57 -27.03 -8.93
N ALA A 346 10.22 -26.76 -10.16
CA ALA A 346 10.29 -27.63 -11.32
C ALA A 346 11.75 -28.04 -11.50
N GLU A 347 12.64 -27.08 -11.71
CA GLU A 347 14.06 -27.26 -11.91
C GLU A 347 14.84 -27.86 -10.74
N PHE A 348 14.76 -27.34 -9.51
CA PHE A 348 15.52 -27.99 -8.45
C PHE A 348 14.71 -29.05 -7.77
N GLY A 349 13.37 -29.08 -7.81
CA GLY A 349 12.69 -30.33 -7.31
C GLY A 349 12.82 -31.24 -8.52
N GLY A 350 12.19 -32.35 -8.82
CA GLY A 350 12.47 -32.87 -10.24
C GLY A 350 11.07 -32.83 -10.85
N MET A 351 10.52 -31.98 -11.71
CA MET A 351 9.07 -32.13 -11.86
C MET A 351 8.52 -31.49 -13.10
N ASP A 352 9.05 -30.34 -13.50
CA ASP A 352 8.19 -29.63 -14.47
C ASP A 352 6.76 -29.45 -13.92
N THR A 353 6.10 -28.66 -14.74
CA THR A 353 4.93 -27.87 -14.69
C THR A 353 3.73 -28.24 -13.82
N GLU A 354 2.98 -29.29 -14.09
CA GLU A 354 1.79 -29.54 -13.27
C GLU A 354 2.14 -29.95 -11.84
N ALA A 355 3.28 -30.65 -11.71
CA ALA A 355 3.64 -31.13 -10.39
C ALA A 355 4.21 -29.96 -9.56
N ALA A 356 4.80 -28.98 -10.24
CA ALA A 356 5.41 -27.85 -9.54
C ALA A 356 4.25 -27.06 -8.94
N ASP A 357 3.24 -26.93 -9.75
CA ASP A 357 1.95 -26.31 -9.54
C ASP A 357 1.22 -26.97 -8.37
N GLU A 358 1.14 -28.30 -8.38
CA GLU A 358 0.49 -28.98 -7.26
C GLU A 358 1.36 -28.68 -6.03
N PHE A 359 2.68 -28.67 -6.21
CA PHE A 359 3.54 -28.49 -5.03
C PHE A 359 3.34 -27.13 -4.39
N LEU A 360 3.21 -26.05 -5.16
CA LEU A 360 2.97 -24.73 -4.62
C LEU A 360 1.60 -24.62 -3.94
N SER A 361 0.60 -25.25 -4.56
CA SER A 361 -0.74 -25.30 -4.05
C SER A 361 -0.73 -26.09 -2.75
N GLU A 362 0.08 -27.14 -2.67
CA GLU A 362 0.07 -27.82 -1.37
C GLU A 362 0.71 -26.95 -0.30
N LEU A 363 1.69 -26.13 -0.71
CA LEU A 363 2.39 -25.21 0.20
C LEU A 363 1.41 -24.16 0.73
N ARG A 364 0.54 -23.68 -0.14
CA ARG A 364 -0.51 -22.71 0.20
C ARG A 364 -1.55 -23.35 1.10
N VAL A 365 -2.18 -24.43 0.64
CA VAL A 365 -3.04 -25.23 1.59
C VAL A 365 -2.06 -25.50 2.69
N GLU A 366 -1.98 -25.55 3.97
CA GLU A 366 -0.69 -25.83 4.61
C GLU A 366 -0.03 -24.50 5.03
N ARG A 367 -0.29 -23.41 4.32
CA ARG A 367 -0.03 -22.12 4.91
C ARG A 367 1.47 -21.84 5.00
N ARG A 368 2.11 -22.33 3.93
CA ARG A 368 3.54 -22.13 3.82
C ARG A 368 3.78 -21.31 2.56
N TYR A 369 2.70 -20.85 1.96
CA TYR A 369 2.86 -19.86 0.87
C TYR A 369 1.77 -18.83 1.10
N GLN A 370 2.09 -17.71 1.69
CA GLN A 370 1.19 -16.66 2.09
C GLN A 370 1.51 -15.34 1.41
N ARG A 371 0.49 -14.60 0.97
CA ARG A 371 0.69 -13.43 0.17
C ARG A 371 -0.19 -12.30 0.66
N ASP A 372 0.33 -11.08 0.51
CA ASP A 372 -0.50 -9.91 0.80
C ASP A 372 -0.19 -8.89 -0.27
N VAL A 373 -0.84 -9.03 -1.43
CA VAL A 373 -0.44 -8.25 -2.63
C VAL A 373 -1.54 -7.31 -3.01
N TYR A 374 -1.31 -6.13 -3.60
CA TYR A 374 -2.45 -5.20 -3.68
C TYR A 374 -2.43 -4.15 -4.84
PA FAD B . -5.44 7.24 -4.32
O1A FAD B . -6.19 6.01 -3.99
O2A FAD B . -6.04 8.46 -4.12
O5B FAD B . -4.91 7.17 -5.69
C5B FAD B . -4.10 6.68 -6.74
C4B FAD B . -4.46 7.32 -8.06
O4B FAD B . -3.77 8.54 -8.50
C3B FAD B . -5.04 6.72 -9.35
O3B FAD B . -4.22 6.42 -10.44
C2B FAD B . -5.60 8.15 -9.78
O2B FAD B . -6.52 7.91 -10.82
C1B FAD B . -4.27 8.77 -9.88
N9A FAD B . -3.05 8.62 -10.61
C8A FAD B . -1.80 8.29 -10.07
N7A FAD B . -0.78 8.67 -10.81
C5A FAD B . -1.29 9.33 -11.90
C6A FAD B . -0.72 9.94 -13.11
N6A FAD B . 0.53 10.10 -13.41
N1A FAD B . -1.61 10.45 -14.03
C2A FAD B . -2.92 10.56 -13.66
N3A FAD B . -3.49 9.80 -12.73
C4A FAD B . -2.69 9.22 -11.85
N1 FAD B . 0.65 1.15 0.07
C2 FAD B . 1.82 1.52 0.55
O2 FAD B . 2.38 2.49 0.14
N3 FAD B . 2.51 0.77 1.50
C4 FAD B . 1.99 -0.37 2.02
O4 FAD B . 2.67 -1.00 2.80
C4X FAD B . 0.71 -0.78 1.49
N5 FAD B . 0.14 -1.88 1.98
C5X FAD B . -1.08 -2.22 1.51
C6 FAD B . -1.66 -3.39 2.03
C7 FAD B . -2.86 -3.77 1.57
C7M FAD B . -3.57 -5.01 2.13
C8 FAD B . -3.57 -3.00 0.58
C8M FAD B . -4.94 -3.41 0.05
C9 FAD B . -3.01 -1.87 0.05
C9A FAD B . -1.77 -1.49 0.53
N10 FAD B . -1.15 -0.33 0.03
C10 FAD B . 0.04 0.04 0.52
C1' FAD B . -1.85 0.49 -1.00
C2' FAD B . -2.58 1.67 -0.28
O2' FAD B . -3.67 1.11 0.43
C3' FAD B . -3.11 2.66 -1.28
O3' FAD B . -4.06 2.18 -2.20
C4' FAD B . -2.02 3.60 -1.79
O4' FAD B . -1.47 4.28 -0.60
C5' FAD B . -2.64 4.63 -2.74
O5' FAD B . -3.74 5.44 -1.93
P FAD B . -3.87 6.95 -1.98
O1P FAD B . -5.01 7.28 -1.24
O2P FAD B . -2.60 7.67 -1.48
O3P FAD B . -4.07 7.30 -3.41
PA NAP C . 9.41 -2.29 -6.67
O1A NAP C . 9.09 0.09 -8.54
O2A NAP C . 9.43 -0.85 -7.48
O5B NAP C . 10.52 -2.67 -7.54
C5B NAP C . 10.68 -3.28 -9.14
C4B NAP C . 11.73 -2.55 -8.48
C3B NAP C . 11.86 -1.63 -9.68
O3B NAP C . 12.72 -2.47 -8.92
C2B NAP C . 10.66 -1.45 -10.61
O2B NAP C . 10.59 -0.22 -11.36
C1B NAP C . 9.82 -2.63 -10.11
N9A NAP C . 8.95 -3.84 -10.31
C8A NAP C . 7.97 -3.78 -11.27
N7A NAP C . 7.77 -5.03 -11.64
C5A NAP C . 8.35 -5.77 -10.67
C6A NAP C . 8.42 -7.19 -10.65
N6A NAP C . 7.90 -7.91 -11.66
N1A NAP C . 9.04 -7.71 -9.57
C2A NAP C . 9.53 -6.85 -8.68
N3A NAP C . 9.54 -5.53 -8.56
C4A NAP C . 8.94 -5.01 -9.64
O3 NAP C . 9.10 0.12 -8.68
P2B NAP C . 11.37 -0.18 -12.54
O1X NAP C . 12.68 0.26 -12.86
O2X NAP C . 11.74 0.96 -11.79
O3X NAP C . 10.78 -0.61 -13.77
HOA2 NAP C . 9.64 0.05 -8.65
#